data_3TM7
#
_entry.id   3TM7
#
_cell.length_a   71.083
_cell.length_b   71.083
_cell.length_c   215.807
_cell.angle_alpha   90.00
_cell.angle_beta   90.00
_cell.angle_gamma   120.00
#
_symmetry.space_group_name_H-M   'P 61 2 2'
#
loop_
_entity.id
_entity.type
_entity.pdbx_description
1 polymer 'Aspartate 1-decarboxylase beta chain'
2 polymer 'Aspartate 1-decarboxylase alpha chain'
3 non-polymer 'SULFATE ION'
4 water water
#
loop_
_entity_poly.entity_id
_entity_poly.type
_entity_poly.pdbx_seq_one_letter_code
_entity_poly.pdbx_strand_id
1 'polypeptide(L)' GSMIRTMLQGKLHRVKVTHADLHYEG A,C
2 'polypeptide(L)'
;SCAIDQDFLDAAGILENEAIDIWNVTNGKRFSTYAIAAERGSRIISVAGAAAHCASVGDIVIIASFVTMPDEEARTWRPN
VAYFEGDNEMKRTAKAIPVQVA
;
B,D
#
loop_
_chem_comp.id
_chem_comp.type
_chem_comp.name
_chem_comp.formula
SO4 non-polymer 'SULFATE ION' 'O4 S -2'
#
# COMPACT_ATOMS: atom_id res chain seq x y z
N GLY A 1 -18.00 13.23 -9.56
CA GLY A 1 -18.27 12.02 -8.74
C GLY A 1 -19.31 11.10 -9.33
N SER A 2 -19.61 10.01 -8.65
CA SER A 2 -19.05 9.69 -7.35
C SER A 2 -17.53 9.44 -7.46
N MET A 3 -16.85 9.84 -6.40
CA MET A 3 -15.39 9.75 -6.32
C MET A 3 -15.08 8.30 -5.97
N ILE A 4 -14.12 7.73 -6.68
CA ILE A 4 -13.84 6.31 -6.55
C ILE A 4 -12.45 6.13 -5.94
N ARG A 5 -12.38 5.29 -4.89
CA ARG A 5 -11.18 4.98 -4.16
C ARG A 5 -10.54 3.68 -4.65
N THR A 6 -9.22 3.60 -4.49
CA THR A 6 -8.44 2.40 -4.74
C THR A 6 -8.05 1.85 -3.38
N MET A 7 -8.53 0.66 -3.08
CA MET A 7 -8.43 0.08 -1.75
C MET A 7 -7.78 -1.30 -1.79
N LEU A 8 -7.01 -1.60 -0.76
CA LEU A 8 -6.48 -2.96 -0.61
C LEU A 8 -7.64 -3.94 -0.51
N GLN A 9 -7.75 -4.83 -1.49
CA GLN A 9 -8.76 -5.88 -1.49
C GLN A 9 -8.37 -7.02 -0.58
N GLY A 10 -7.08 -7.37 -0.65
CA GLY A 10 -6.59 -8.52 0.08
C GLY A 10 -5.11 -8.71 -0.13
N LYS A 11 -4.49 -9.51 0.74
CA LYS A 11 -3.10 -9.79 0.58
C LYS A 11 -2.68 -11.11 1.21
N LEU A 12 -1.61 -11.66 0.67
CA LEU A 12 -0.91 -12.80 1.23
C LEU A 12 0.31 -12.19 1.90
N HIS A 13 0.33 -12.27 3.22
CA HIS A 13 1.34 -11.59 4.01
C HIS A 13 2.50 -12.53 4.42
N ARG A 14 3.68 -12.25 3.87
CA ARG A 14 4.92 -12.98 4.16
C ARG A 14 4.90 -14.42 3.73
N VAL A 15 4.40 -14.65 2.52
CA VAL A 15 4.52 -15.94 1.86
C VAL A 15 5.98 -16.07 1.36
N LYS A 16 6.44 -17.31 1.23
CA LYS A 16 7.80 -17.59 0.73
C LYS A 16 7.76 -18.07 -0.71
N VAL A 17 8.62 -17.51 -1.54
CA VAL A 17 8.73 -17.92 -2.93
C VAL A 17 9.26 -19.34 -3.02
N THR A 18 8.56 -20.19 -3.75
CA THR A 18 8.92 -21.63 -3.81
C THR A 18 9.63 -22.00 -5.12
N HIS A 19 9.41 -21.21 -6.18
CA HIS A 19 9.94 -21.49 -7.51
C HIS A 19 10.20 -20.17 -8.23
N ALA A 20 11.34 -20.10 -8.94
CA ALA A 20 11.67 -18.91 -9.71
C ALA A 20 12.46 -19.34 -10.96
N ASP A 21 11.89 -19.07 -12.14
CA ASP A 21 12.49 -19.53 -13.39
C ASP A 21 12.39 -18.47 -14.48
N LEU A 22 13.53 -18.02 -14.96
CA LEU A 22 13.59 -17.02 -16.01
C LEU A 22 13.09 -17.64 -17.28
N HIS A 23 13.31 -18.94 -17.38
CA HIS A 23 13.08 -19.63 -18.62
C HIS A 23 11.78 -20.36 -18.67
N TYR A 24 11.05 -20.46 -17.56
CA TYR A 24 9.74 -21.07 -17.66
C TYR A 24 8.86 -20.21 -18.49
N GLU A 25 8.46 -20.72 -19.66
CA GLU A 25 7.55 -19.98 -20.53
C GLU A 25 6.12 -20.27 -20.07
N GLY A 26 5.74 -19.60 -18.97
CA GLY A 26 4.48 -19.88 -18.28
C GLY A 26 4.26 -18.94 -17.10
N SER B 1 3.69 -17.86 -13.50
CA SER B 1 3.53 -16.40 -13.81
C SER B 1 3.84 -15.47 -12.56
N CYS B 2 2.84 -15.22 -11.73
CA CYS B 2 3.03 -15.55 -10.34
C CYS B 2 1.92 -16.58 -10.14
N ALA B 3 2.29 -17.87 -10.13
CA ALA B 3 1.34 -18.90 -9.84
C ALA B 3 1.29 -19.07 -8.34
N ILE B 4 0.09 -19.18 -7.83
CA ILE B 4 -0.22 -19.14 -6.42
C ILE B 4 -1.26 -20.22 -6.14
N ASP B 5 -0.95 -21.07 -5.17
CA ASP B 5 -1.90 -22.08 -4.67
C ASP B 5 -3.32 -21.49 -4.61
N GLN B 6 -4.29 -22.15 -5.26
CA GLN B 6 -5.67 -21.67 -5.25
C GLN B 6 -6.25 -21.42 -3.85
N ASP B 7 -5.88 -22.22 -2.86
CA ASP B 7 -6.33 -22.00 -1.49
C ASP B 7 -5.91 -20.61 -0.98
N PHE B 8 -4.70 -20.20 -1.35
CA PHE B 8 -4.17 -18.89 -0.92
C PHE B 8 -4.97 -17.79 -1.63
N LEU B 9 -5.18 -17.95 -2.92
CA LEU B 9 -6.00 -16.99 -3.69
C LEU B 9 -7.37 -16.86 -3.04
N ASP B 10 -8.02 -17.97 -2.68
CA ASP B 10 -9.33 -17.93 -2.05
C ASP B 10 -9.30 -17.10 -0.77
N ALA B 11 -8.28 -17.33 0.06
CA ALA B 11 -8.23 -16.68 1.36
C ALA B 11 -8.05 -15.16 1.27
N ALA B 12 -7.30 -14.72 0.26
CA ALA B 12 -7.04 -13.32 0.02
C ALA B 12 -8.06 -12.68 -0.92
N GLY B 13 -8.99 -13.45 -1.46
CA GLY B 13 -9.98 -12.96 -2.41
C GLY B 13 -9.41 -12.55 -3.74
N ILE B 14 -8.25 -13.10 -4.08
CA ILE B 14 -7.58 -12.78 -5.34
C ILE B 14 -8.06 -13.73 -6.44
N LEU B 15 -8.35 -13.19 -7.62
CA LEU B 15 -8.85 -13.94 -8.76
C LEU B 15 -7.76 -14.31 -9.73
N GLU B 16 -7.93 -15.45 -10.39
CA GLU B 16 -7.10 -15.74 -11.55
C GLU B 16 -7.17 -14.61 -12.57
N ASN B 17 -6.01 -14.25 -13.07
CA ASN B 17 -5.78 -13.19 -14.03
C ASN B 17 -5.93 -11.76 -13.45
N GLU B 18 -6.09 -11.64 -12.14
CA GLU B 18 -6.16 -10.32 -11.52
C GLU B 18 -4.77 -9.71 -11.38
N ALA B 19 -4.68 -8.40 -11.61
CA ALA B 19 -3.45 -7.66 -11.33
C ALA B 19 -3.07 -7.81 -9.83
N ILE B 20 -1.80 -8.05 -9.57
CA ILE B 20 -1.27 -8.12 -8.20
C ILE B 20 0.02 -7.33 -8.11
N ASP B 21 0.27 -6.77 -6.93
CA ASP B 21 1.53 -6.19 -6.59
C ASP B 21 2.28 -7.14 -5.69
N ILE B 22 3.57 -7.27 -5.94
CA ILE B 22 4.47 -8.08 -5.13
C ILE B 22 5.54 -7.20 -4.56
N TRP B 23 5.62 -7.21 -3.23
CA TRP B 23 6.59 -6.46 -2.47
C TRP B 23 7.53 -7.45 -1.78
N ASN B 24 8.79 -7.39 -2.15
CA ASN B 24 9.77 -8.37 -1.69
C ASN B 24 10.42 -7.84 -0.42
N VAL B 25 10.06 -8.45 0.68
CA VAL B 25 10.56 -8.08 2.00
C VAL B 25 12.06 -8.34 2.07
N THR B 26 12.49 -9.42 1.43
CA THR B 26 13.91 -9.79 1.46
C THR B 26 14.85 -8.79 0.77
N ASN B 27 14.52 -8.38 -0.45
CA ASN B 27 15.41 -7.51 -1.23
C ASN B 27 14.89 -6.11 -1.51
N GLY B 28 13.67 -5.81 -1.06
CA GLY B 28 13.05 -4.51 -1.28
C GLY B 28 12.48 -4.23 -2.65
N LYS B 29 12.61 -5.16 -3.59
CA LYS B 29 12.05 -4.96 -4.92
C LYS B 29 10.53 -4.97 -4.89
N ARG B 30 9.93 -4.16 -5.74
CA ARG B 30 8.48 -3.98 -5.82
C ARG B 30 8.08 -4.05 -7.28
N PHE B 31 7.14 -4.93 -7.60
CA PHE B 31 6.70 -5.06 -8.98
C PHE B 31 5.25 -5.46 -9.07
N SER B 32 4.69 -5.35 -10.26
CA SER B 32 3.30 -5.66 -10.50
C SER B 32 3.20 -6.67 -11.64
N THR B 33 2.31 -7.63 -11.47
CA THR B 33 2.10 -8.69 -12.45
C THR B 33 0.66 -9.12 -12.40
N TYR B 34 0.37 -10.39 -12.71
CA TYR B 34 -0.98 -10.92 -12.54
C TYR B 34 -0.91 -12.34 -11.98
N ALA B 35 -1.99 -12.74 -11.34
CA ALA B 35 -2.06 -13.98 -10.61
C ALA B 35 -2.54 -15.10 -11.54
N ILE B 36 -1.93 -16.26 -11.42
CA ILE B 36 -2.51 -17.48 -11.99
C ILE B 36 -2.59 -18.54 -10.90
N ALA B 37 -3.60 -19.39 -10.94
CA ALA B 37 -3.77 -20.39 -9.91
C ALA B 37 -2.82 -21.57 -10.11
N ALA B 38 -2.18 -21.98 -9.02
CA ALA B 38 -1.52 -23.26 -8.94
C ALA B 38 -2.44 -24.23 -8.25
N GLU B 39 -2.11 -25.51 -8.40
CA GLU B 39 -2.92 -26.58 -7.85
C GLU B 39 -3.22 -26.36 -6.37
N ARG B 40 -4.49 -26.58 -6.02
CA ARG B 40 -4.89 -26.50 -4.63
C ARG B 40 -4.08 -27.44 -3.70
N GLY B 41 -3.53 -26.88 -2.62
CA GLY B 41 -2.69 -27.62 -1.69
C GLY B 41 -1.23 -27.76 -2.08
N SER B 42 -0.83 -27.22 -3.23
CA SER B 42 0.57 -27.26 -3.65
C SER B 42 1.48 -26.35 -2.83
N ARG B 43 0.87 -25.34 -2.22
CA ARG B 43 1.55 -24.27 -1.53
C ARG B 43 2.57 -23.51 -2.38
N ILE B 44 2.37 -23.52 -3.69
CA ILE B 44 3.28 -22.86 -4.63
C ILE B 44 3.13 -21.33 -4.62
N ILE B 45 4.26 -20.65 -4.64
CA ILE B 45 4.39 -19.23 -5.00
C ILE B 45 5.52 -19.22 -6.01
N SER B 46 5.15 -19.12 -7.29
CA SER B 46 6.14 -19.26 -8.38
C SER B 46 6.22 -17.99 -9.20
N VAL B 47 7.43 -17.50 -9.39
CA VAL B 47 7.72 -16.35 -10.25
C VAL B 47 8.40 -16.83 -11.54
N ALA B 48 7.96 -16.31 -12.68
CA ALA B 48 8.45 -16.75 -13.98
C ALA B 48 8.98 -15.58 -14.81
N GLY B 49 9.77 -15.90 -15.82
CA GLY B 49 10.18 -14.88 -16.77
C GLY B 49 10.84 -13.65 -16.21
N ALA B 50 10.37 -12.49 -16.65
CA ALA B 50 10.93 -11.24 -16.19
C ALA B 50 10.87 -11.11 -14.67
N ALA B 51 9.80 -11.58 -14.07
CA ALA B 51 9.61 -11.44 -12.62
C ALA B 51 10.65 -12.22 -11.82
N ALA B 52 11.24 -13.23 -12.42
CA ALA B 52 12.33 -13.99 -11.78
C ALA B 52 13.62 -13.17 -11.58
N HIS B 53 13.73 -12.01 -12.23
CA HIS B 53 14.77 -11.04 -11.93
C HIS B 53 14.53 -10.29 -10.62
N CYS B 54 13.32 -10.41 -10.08
CA CYS B 54 12.95 -9.62 -8.90
C CYS B 54 12.74 -10.44 -7.64
N ALA B 55 12.68 -11.76 -7.77
CA ALA B 55 12.52 -12.61 -6.59
C ALA B 55 13.20 -13.94 -6.85
N SER B 56 13.60 -14.58 -5.76
CA SER B 56 14.30 -15.85 -5.77
C SER B 56 13.64 -16.77 -4.75
N VAL B 57 13.88 -18.06 -4.92
CA VAL B 57 13.38 -19.06 -4.01
C VAL B 57 13.91 -18.74 -2.61
N GLY B 58 13.00 -18.72 -1.63
CA GLY B 58 13.33 -18.39 -0.26
C GLY B 58 12.97 -16.98 0.16
N ASP B 59 12.80 -16.07 -0.81
CA ASP B 59 12.46 -14.69 -0.51
C ASP B 59 11.07 -14.65 0.12
N ILE B 60 10.92 -13.75 1.08
CA ILE B 60 9.64 -13.50 1.73
C ILE B 60 9.01 -12.33 0.98
N VAL B 61 7.76 -12.50 0.56
CA VAL B 61 7.06 -11.46 -0.21
C VAL B 61 5.65 -11.23 0.35
N ILE B 62 5.10 -10.06 0.00
CA ILE B 62 3.70 -9.75 0.23
C ILE B 62 3.08 -9.67 -1.15
N ILE B 63 1.94 -10.31 -1.34
CA ILE B 63 1.22 -10.28 -2.61
C ILE B 63 -0.12 -9.60 -2.34
N ALA B 64 -0.38 -8.48 -3.02
CA ALA B 64 -1.58 -7.70 -2.74
C ALA B 64 -2.40 -7.49 -4.00
N SER B 65 -3.72 -7.41 -3.83
CA SER B 65 -4.57 -6.93 -4.92
C SER B 65 -5.36 -5.73 -4.42
N PHE B 66 -5.63 -4.83 -5.36
CA PHE B 66 -6.40 -3.61 -5.09
C PHE B 66 -7.65 -3.57 -5.95
N VAL B 67 -8.73 -3.09 -5.36
CA VAL B 67 -9.99 -2.89 -6.09
C VAL B 67 -10.43 -1.45 -5.95
N THR B 68 -11.33 -1.03 -6.84
CA THR B 68 -11.92 0.28 -6.68
C THR B 68 -13.38 0.20 -6.28
N MET B 69 -13.80 1.21 -5.53
CA MET B 69 -15.16 1.27 -4.99
C MET B 69 -15.42 2.72 -4.58
N PRO B 70 -16.69 3.10 -4.48
CA PRO B 70 -17.01 4.44 -4.01
C PRO B 70 -16.58 4.68 -2.56
N ASP B 71 -16.49 5.96 -2.26
CA ASP B 71 -16.00 6.38 -0.95
C ASP B 71 -16.69 5.78 0.27
N GLU B 72 -18.03 5.74 0.24
CA GLU B 72 -18.78 5.24 1.36
C GLU B 72 -18.46 3.77 1.68
N GLU B 73 -18.43 2.97 0.61
CA GLU B 73 -18.05 1.58 0.68
C GLU B 73 -16.61 1.44 1.18
N ALA B 74 -15.75 2.30 0.66
CA ALA B 74 -14.32 2.25 1.02
C ALA B 74 -14.11 2.50 2.51
N ARG B 75 -14.94 3.37 3.08
CA ARG B 75 -14.84 3.70 4.48
C ARG B 75 -15.23 2.58 5.44
N THR B 76 -15.95 1.56 4.99
CA THR B 76 -16.23 0.41 5.86
C THR B 76 -15.61 -0.89 5.36
N TRP B 77 -14.74 -0.79 4.36
CA TRP B 77 -14.19 -1.96 3.71
C TRP B 77 -13.15 -2.67 4.60
N ARG B 78 -13.20 -4.00 4.61
CA ARG B 78 -12.26 -4.82 5.38
C ARG B 78 -11.54 -5.73 4.38
N PRO B 79 -10.23 -5.55 4.23
CA PRO B 79 -9.46 -6.41 3.33
C PRO B 79 -9.39 -7.86 3.79
N ASN B 80 -9.21 -8.74 2.84
CA ASN B 80 -9.04 -10.18 3.04
C ASN B 80 -7.57 -10.49 3.21
N VAL B 81 -7.13 -10.75 4.44
CA VAL B 81 -5.70 -10.94 4.69
C VAL B 81 -5.43 -12.34 5.19
N ALA B 82 -4.45 -13.00 4.59
CA ALA B 82 -3.99 -14.32 5.03
C ALA B 82 -2.53 -14.13 5.45
N TYR B 83 -2.17 -14.69 6.60
CA TYR B 83 -0.84 -14.54 7.19
C TYR B 83 -0.14 -15.91 7.08
N PHE B 84 1.15 -15.87 6.81
CA PHE B 84 1.91 -17.10 6.55
C PHE B 84 3.10 -17.24 7.45
N GLU B 85 3.43 -18.49 7.71
CA GLU B 85 4.69 -18.79 8.38
C GLU B 85 5.15 -20.16 7.88
N GLY B 86 6.38 -20.52 8.23
CA GLY B 86 6.81 -21.88 8.04
C GLY B 86 6.78 -22.27 6.57
N ASP B 87 6.25 -23.45 6.31
CA ASP B 87 6.16 -24.02 4.96
C ASP B 87 4.90 -23.48 4.25
N ASN B 88 4.84 -22.14 4.11
CA ASN B 88 3.64 -21.46 3.61
C ASN B 88 2.38 -22.02 4.24
N GLU B 89 2.43 -22.10 5.57
CA GLU B 89 1.28 -22.43 6.40
C GLU B 89 0.46 -21.17 6.65
N MET B 90 -0.81 -21.24 6.25
CA MET B 90 -1.68 -20.07 6.30
C MET B 90 -2.46 -19.98 7.58
N LYS B 91 -2.48 -18.79 8.19
CA LYS B 91 -3.46 -18.45 9.22
C LYS B 91 -4.35 -17.24 8.90
N ARG B 92 -5.45 -17.17 9.65
CA ARG B 92 -6.44 -16.09 9.55
C ARG B 92 -6.00 -14.81 10.28
N THR B 93 -5.22 -14.97 11.35
CA THR B 93 -4.70 -13.85 12.15
C THR B 93 -3.20 -14.03 12.40
N ALA B 94 -2.53 -12.95 12.81
CA ALA B 94 -1.06 -12.93 12.91
C ALA B 94 -0.57 -13.32 14.30
N MET C 3 -15.69 9.72 -19.76
CA MET C 3 -14.19 9.78 -19.63
C MET C 3 -13.87 10.02 -18.16
N ILE C 4 -13.11 9.11 -17.57
CA ILE C 4 -12.84 9.13 -16.14
C ILE C 4 -11.38 9.56 -15.91
N ARG C 5 -11.19 10.59 -15.09
CA ARG C 5 -9.89 11.13 -14.77
C ARG C 5 -9.36 10.58 -13.44
N THR C 6 -8.03 10.47 -13.32
CA THR C 6 -7.39 10.18 -12.05
C THR C 6 -6.83 11.46 -11.49
N MET C 7 -7.26 11.81 -10.27
CA MET C 7 -6.97 13.09 -9.66
C MET C 7 -6.37 12.91 -8.29
N LEU C 8 -5.48 13.83 -7.95
CA LEU C 8 -4.97 13.88 -6.59
C LEU C 8 -6.11 14.08 -5.61
N GLN C 9 -6.28 13.12 -4.70
CA GLN C 9 -7.28 13.22 -3.65
C GLN C 9 -6.79 14.06 -2.49
N GLY C 10 -5.56 13.83 -2.09
CA GLY C 10 -4.99 14.51 -0.94
C GLY C 10 -3.55 14.12 -0.75
N LYS C 11 -2.83 14.88 0.06
CA LYS C 11 -1.46 14.53 0.38
C LYS C 11 -1.03 15.12 1.69
N LEU C 12 -0.06 14.45 2.28
CA LEU C 12 0.68 14.92 3.44
C LEU C 12 2.02 15.38 2.89
N HIS C 13 2.26 16.68 3.01
CA HIS C 13 3.40 17.33 2.38
C HIS C 13 4.58 17.47 3.36
N ARG C 14 5.64 16.71 3.11
CA ARG C 14 6.87 16.79 3.87
C ARG C 14 6.72 16.39 5.34
N VAL C 15 6.13 15.23 5.55
CA VAL C 15 6.19 14.55 6.82
C VAL C 15 7.51 13.82 6.94
N LYS C 16 7.90 13.54 8.18
CA LYS C 16 9.14 12.87 8.50
C LYS C 16 8.82 11.44 8.98
N VAL C 17 9.57 10.47 8.49
CA VAL C 17 9.40 9.09 8.90
C VAL C 17 9.91 8.99 10.31
N THR C 18 9.09 8.45 11.20
CA THR C 18 9.45 8.37 12.64
C THR C 18 9.91 6.98 13.05
N HIS C 19 9.43 5.96 12.35
CA HIS C 19 9.80 4.57 12.63
C HIS C 19 9.91 3.79 11.33
N ALA C 20 10.90 2.90 11.24
CA ALA C 20 11.07 2.05 10.08
C ALA C 20 11.75 0.76 10.46
N ASP C 21 11.18 -0.37 10.05
CA ASP C 21 11.76 -1.69 10.35
C ASP C 21 11.16 -2.77 9.45
N LEU C 22 12.04 -3.58 8.87
CA LEU C 22 11.65 -4.72 8.05
C LEU C 22 10.77 -5.75 8.79
N HIS C 23 10.83 -5.77 10.13
CA HIS C 23 10.11 -6.76 10.94
C HIS C 23 8.76 -6.29 11.44
N TYR C 24 8.43 -5.02 11.26
CA TYR C 24 7.06 -4.56 11.53
C TYR C 24 6.03 -5.23 10.61
N GLU C 25 4.83 -5.44 11.12
CA GLU C 25 3.78 -6.08 10.37
C GLU C 25 3.03 -5.05 9.54
N GLY C 26 2.10 -5.52 8.71
CA GLY C 26 1.44 -4.68 7.73
C GLY C 26 2.24 -4.69 6.44
N SER D 1 2.16 -1.79 6.97
CA SER D 1 2.58 -1.12 5.71
C SER D 1 3.17 0.28 5.99
N CYS D 2 2.32 1.31 5.99
CA CYS D 2 2.71 2.63 6.46
C CYS D 2 1.62 3.10 7.40
N ALA D 3 1.96 3.27 8.68
CA ALA D 3 1.02 3.76 9.66
C ALA D 3 1.15 5.27 9.83
N ILE D 4 0.01 5.95 9.88
CA ILE D 4 -0.07 7.40 9.85
C ILE D 4 -1.05 7.92 10.88
N ASP D 5 -0.59 8.82 11.76
CA ASP D 5 -1.46 9.46 12.74
C ASP D 5 -2.84 9.77 12.12
N GLN D 6 -3.89 9.26 12.72
CA GLN D 6 -5.25 9.46 12.22
C GLN D 6 -5.59 10.93 11.99
N ASP D 7 -5.03 11.84 12.78
CA ASP D 7 -5.27 13.25 12.56
C ASP D 7 -4.78 13.68 11.18
N PHE D 8 -3.65 13.14 10.73
CA PHE D 8 -3.06 13.45 9.42
C PHE D 8 -3.92 12.84 8.31
N LEU D 9 -4.37 11.61 8.52
CA LEU D 9 -5.32 10.94 7.58
C LEU D 9 -6.58 11.76 7.44
N ASP D 10 -7.11 12.24 8.58
CA ASP D 10 -8.33 13.08 8.52
C ASP D 10 -8.14 14.34 7.65
N ALA D 11 -7.00 15.01 7.80
CA ALA D 11 -6.73 16.26 7.11
C ALA D 11 -6.55 16.04 5.62
N ALA D 12 -5.92 14.92 5.26
CA ALA D 12 -5.65 14.62 3.84
C ALA D 12 -6.75 13.81 3.17
N GLY D 13 -7.75 13.36 3.92
CA GLY D 13 -8.84 12.54 3.40
C GLY D 13 -8.41 11.13 3.00
N ILE D 14 -7.28 10.69 3.51
CA ILE D 14 -6.74 9.38 3.21
C ILE D 14 -7.39 8.35 4.15
N LEU D 15 -7.79 7.22 3.60
CA LEU D 15 -8.47 6.20 4.35
C LEU D 15 -7.57 5.07 4.76
N GLU D 16 -7.89 4.46 5.91
CA GLU D 16 -7.30 3.18 6.23
C GLU D 16 -7.60 2.21 5.10
N ASN D 17 -6.56 1.50 4.67
CA ASN D 17 -6.57 0.50 3.62
C ASN D 17 -6.56 1.07 2.21
N GLU D 18 -6.42 2.39 2.08
CA GLU D 18 -6.35 3.04 0.77
C GLU D 18 -4.97 2.94 0.21
N ALA D 19 -4.89 2.73 -1.10
CA ALA D 19 -3.62 2.83 -1.82
C ALA D 19 -3.01 4.22 -1.68
N ILE D 20 -1.74 4.27 -1.31
CA ILE D 20 -0.98 5.51 -1.23
C ILE D 20 0.35 5.42 -1.97
N ASP D 21 0.77 6.53 -2.51
CA ASP D 21 2.07 6.70 -3.10
C ASP D 21 2.91 7.48 -2.10
N ILE D 22 4.15 7.05 -1.94
CA ILE D 22 5.11 7.73 -1.05
C ILE D 22 6.31 8.12 -1.90
N TRP D 23 6.62 9.41 -1.86
CA TRP D 23 7.69 10.02 -2.64
C TRP D 23 8.69 10.55 -1.64
N ASN D 24 9.87 9.96 -1.63
CA ASN D 24 10.90 10.24 -0.61
C ASN D 24 11.75 11.42 -1.08
N VAL D 25 11.60 12.56 -0.42
CA VAL D 25 12.31 13.78 -0.80
C VAL D 25 13.80 13.63 -0.50
N THR D 26 14.11 12.91 0.55
CA THR D 26 15.49 12.71 0.99
C THR D 26 16.31 11.89 -0.02
N ASN D 27 15.77 10.75 -0.45
CA ASN D 27 16.55 9.83 -1.29
C ASN D 27 16.01 9.61 -2.71
N GLY D 28 14.88 10.24 -3.03
CA GLY D 28 14.31 10.15 -4.37
C GLY D 28 13.52 8.89 -4.71
N LYS D 29 13.52 7.92 -3.80
CA LYS D 29 12.73 6.70 -4.01
C LYS D 29 11.23 7.01 -4.00
N ARG D 30 10.52 6.24 -4.81
CA ARG D 30 9.09 6.41 -5.02
C ARG D 30 8.46 5.02 -5.01
N PHE D 31 7.42 4.84 -4.20
CA PHE D 31 6.82 3.53 -4.08
C PHE D 31 5.36 3.66 -3.72
N SER D 32 4.63 2.56 -3.79
CA SER D 32 3.19 2.57 -3.53
C SER D 32 2.89 1.45 -2.55
N THR D 33 2.04 1.73 -1.58
CA THR D 33 1.65 0.79 -0.56
C THR D 33 0.21 1.11 -0.15
N TYR D 34 -0.16 0.85 1.10
CA TYR D 34 -1.52 1.20 1.59
C TYR D 34 -1.38 1.77 2.97
N ALA D 35 -2.34 2.57 3.36
CA ALA D 35 -2.31 3.27 4.64
C ALA D 35 -2.96 2.49 5.78
N ILE D 36 -2.36 2.59 6.99
CA ILE D 36 -2.93 2.13 8.25
C ILE D 36 -2.94 3.33 9.19
N ALA D 37 -3.94 3.39 10.06
CA ALA D 37 -4.06 4.46 11.06
C ALA D 37 -3.18 4.18 12.26
N ALA D 38 -2.41 5.19 12.62
CA ALA D 38 -1.73 5.28 13.93
C ALA D 38 -2.57 6.12 14.90
N GLU D 39 -2.27 5.98 16.19
CA GLU D 39 -3.00 6.68 17.23
C GLU D 39 -3.01 8.19 16.99
N ARG D 40 -4.17 8.77 17.18
CA ARG D 40 -4.40 10.19 17.05
C ARG D 40 -3.46 10.96 18.00
N GLY D 41 -2.76 11.95 17.46
CA GLY D 41 -1.80 12.76 18.23
C GLY D 41 -0.39 12.19 18.41
N SER D 42 -0.17 10.97 17.94
CA SER D 42 1.12 10.29 18.00
C SER D 42 2.15 10.95 17.08
N ARG D 43 1.64 11.55 16.02
CA ARG D 43 2.46 12.15 14.99
C ARG D 43 3.38 11.12 14.31
N ILE D 44 2.95 9.87 14.31
CA ILE D 44 3.70 8.78 13.73
C ILE D 44 3.55 8.72 12.20
N ILE D 45 4.68 8.47 11.54
CA ILE D 45 4.76 8.00 10.16
C ILE D 45 5.68 6.77 10.22
N SER D 46 5.11 5.56 10.19
CA SER D 46 5.87 4.31 10.36
C SER D 46 5.89 3.57 9.05
N VAL D 47 7.05 3.04 8.65
CA VAL D 47 7.16 2.23 7.45
C VAL D 47 7.59 0.81 7.84
N ALA D 48 6.92 -0.19 7.28
CA ALA D 48 7.07 -1.59 7.69
C ALA D 48 7.47 -2.48 6.53
N GLY D 49 8.12 -3.59 6.86
CA GLY D 49 8.33 -4.65 5.91
C GLY D 49 9.19 -4.23 4.76
N ALA D 50 8.76 -4.60 3.56
CA ALA D 50 9.49 -4.31 2.35
C ALA D 50 9.76 -2.84 2.17
N ALA D 51 8.79 -2.02 2.55
CA ALA D 51 8.88 -0.57 2.38
C ALA D 51 9.99 0.05 3.18
N ALA D 52 10.37 -0.63 4.26
CA ALA D 52 11.52 -0.18 5.06
C ALA D 52 12.85 -0.17 4.31
N HIS D 53 12.91 -0.84 3.14
CA HIS D 53 14.04 -0.73 2.24
C HIS D 53 14.08 0.61 1.46
N CYS D 54 12.98 1.36 1.52
CA CYS D 54 12.81 2.57 0.71
C CYS D 54 12.80 3.87 1.50
N ALA D 55 12.67 3.77 2.81
CA ALA D 55 12.70 4.94 3.68
C ALA D 55 13.31 4.57 5.03
N SER D 56 14.02 5.53 5.59
CA SER D 56 14.63 5.44 6.91
C SER D 56 14.07 6.52 7.84
N VAL D 57 14.20 6.29 9.14
CA VAL D 57 13.84 7.28 10.15
C VAL D 57 14.55 8.59 9.82
N GLY D 58 13.77 9.68 9.82
CA GLY D 58 14.25 11.01 9.52
C GLY D 58 14.08 11.47 8.08
N ASP D 59 13.83 10.55 7.17
CA ASP D 59 13.59 10.94 5.79
C ASP D 59 12.34 11.77 5.70
N ILE D 60 12.36 12.74 4.80
CA ILE D 60 11.22 13.59 4.50
C ILE D 60 10.50 12.96 3.30
N VAL D 61 9.20 12.76 3.44
CA VAL D 61 8.40 12.14 2.39
C VAL D 61 7.12 12.90 2.12
N ILE D 62 6.55 12.66 0.93
CA ILE D 62 5.22 13.15 0.59
C ILE D 62 4.37 11.90 0.41
N ILE D 63 3.20 11.87 1.02
CA ILE D 63 2.31 10.73 0.94
C ILE D 63 1.02 11.19 0.27
N ALA D 64 0.65 10.53 -0.81
CA ALA D 64 -0.47 11.01 -1.64
C ALA D 64 -1.45 9.87 -1.91
N SER D 65 -2.72 10.21 -2.07
CA SER D 65 -3.68 9.25 -2.63
C SER D 65 -4.39 9.88 -3.81
N PHE D 66 -4.89 9.03 -4.68
CA PHE D 66 -5.57 9.47 -5.92
C PHE D 66 -6.94 8.81 -6.00
N VAL D 67 -7.90 9.54 -6.56
CA VAL D 67 -9.24 9.01 -6.81
C VAL D 67 -9.62 9.22 -8.27
N THR D 68 -10.60 8.47 -8.73
CA THR D 68 -11.11 8.72 -10.06
C THR D 68 -12.51 9.30 -10.02
N MET D 69 -12.84 10.06 -11.05
CA MET D 69 -14.16 10.67 -11.22
C MET D 69 -14.31 11.16 -12.64
N PRO D 70 -15.53 11.37 -13.09
CA PRO D 70 -15.70 11.85 -14.45
C PRO D 70 -15.09 13.20 -14.68
N ASP D 71 -14.72 13.43 -15.94
CA ASP D 71 -14.06 14.65 -16.37
C ASP D 71 -14.79 15.93 -15.90
N GLU D 72 -16.12 15.93 -15.98
CA GLU D 72 -16.87 17.14 -15.62
C GLU D 72 -16.61 17.56 -14.19
N GLU D 73 -16.60 16.58 -13.29
CA GLU D 73 -16.31 16.81 -11.87
C GLU D 73 -14.86 17.13 -11.64
N ALA D 74 -13.97 16.43 -12.36
CA ALA D 74 -12.55 16.65 -12.19
C ALA D 74 -12.08 18.06 -12.49
N ARG D 75 -12.80 18.78 -13.35
CA ARG D 75 -12.44 20.13 -13.70
C ARG D 75 -12.46 21.12 -12.53
N THR D 76 -13.24 20.81 -11.48
CA THR D 76 -13.33 21.68 -10.32
C THR D 76 -12.87 21.01 -9.03
N TRP D 77 -12.35 19.79 -9.14
CA TRP D 77 -11.93 19.02 -7.97
C TRP D 77 -10.84 19.76 -7.18
N ARG D 78 -10.88 19.63 -5.86
CA ARG D 78 -9.94 20.27 -4.97
C ARG D 78 -9.36 19.17 -4.06
N PRO D 79 -8.04 18.95 -4.09
CA PRO D 79 -7.43 17.99 -3.18
C PRO D 79 -7.31 18.49 -1.75
N ASN D 80 -7.14 17.55 -0.85
CA ASN D 80 -6.97 17.81 0.59
C ASN D 80 -5.51 17.74 0.94
N VAL D 81 -4.93 18.92 1.19
CA VAL D 81 -3.49 18.99 1.41
C VAL D 81 -3.20 19.47 2.82
N ALA D 82 -2.33 18.73 3.51
CA ALA D 82 -1.82 19.12 4.83
C ALA D 82 -0.33 19.33 4.74
N TYR D 83 0.14 20.41 5.35
CA TYR D 83 1.53 20.83 5.29
C TYR D 83 2.13 20.68 6.68
N PHE D 84 3.41 20.36 6.72
CA PHE D 84 4.11 20.00 7.94
C PHE D 84 5.47 20.67 8.02
N GLU D 85 5.86 20.89 9.27
CA GLU D 85 7.18 21.42 9.60
C GLU D 85 7.69 20.71 10.83
N GLY D 86 9.01 20.71 10.99
CA GLY D 86 9.62 20.24 12.23
C GLY D 86 9.26 18.81 12.49
N ASP D 87 8.80 18.54 13.70
CA ASP D 87 8.53 17.18 14.13
C ASP D 87 7.06 16.80 13.84
N ASN D 88 6.75 16.71 12.54
CA ASN D 88 5.40 16.43 12.07
C ASN D 88 4.32 17.28 12.72
N GLU D 89 4.61 18.57 12.84
CA GLU D 89 3.62 19.53 13.30
C GLU D 89 2.83 20.05 12.09
N MET D 90 1.53 19.80 12.11
CA MET D 90 0.70 20.25 11.01
C MET D 90 0.49 21.75 11.07
N LYS D 91 0.76 22.43 9.96
CA LYS D 91 0.50 23.86 9.85
C LYS D 91 -1.00 24.13 9.66
N ARG D 92 -1.53 25.16 10.33
CA ARG D 92 -2.77 25.81 9.89
C ARG D 92 -2.41 26.35 8.48
N THR D 93 -3.33 26.88 7.67
CA THR D 93 -4.49 27.68 8.11
C THR D 93 -5.46 27.85 6.94
N ALA D 94 -6.71 28.26 7.16
CA ALA D 94 -7.38 28.44 8.45
C ALA D 94 -6.68 29.32 9.49
N LYS D 95 -6.82 30.64 9.31
CA LYS D 95 -6.39 31.64 10.29
C LYS D 95 -7.62 32.04 11.10
N ALA D 96 -7.44 32.38 12.37
CA ALA D 96 -8.56 32.86 13.18
C ALA D 96 -8.97 34.24 12.66
N ILE D 97 -10.27 34.53 12.63
CA ILE D 97 -10.71 35.86 12.22
C ILE D 97 -10.14 36.87 13.21
N PRO D 98 -9.51 37.95 12.73
CA PRO D 98 -8.93 38.94 13.63
C PRO D 98 -9.99 39.58 14.55
N VAL D 99 -9.79 39.39 15.85
CA VAL D 99 -10.67 39.96 16.85
C VAL D 99 -9.85 40.83 17.80
N GLN D 100 -8.54 40.95 17.58
CA GLN D 100 -7.67 41.69 18.50
C GLN D 100 -6.64 42.46 17.69
N VAL D 101 -6.24 43.63 18.18
CA VAL D 101 -5.27 44.47 17.51
C VAL D 101 -4.46 45.29 18.52
S SO4 E . 5.78 -11.76 -15.36
O1 SO4 E . 6.87 -11.08 -16.08
O2 SO4 E . 5.39 -10.90 -14.20
O3 SO4 E . 6.23 -13.13 -14.92
O4 SO4 E . 4.65 -11.89 -16.34
S SO4 F . 5.00 -3.55 2.92
O1 SO4 F . 5.64 -2.96 1.75
O2 SO4 F . 5.16 -2.59 4.05
O3 SO4 F . 5.66 -4.84 3.30
O4 SO4 F . 3.55 -3.73 2.70
#